data_4IFA
#
_entry.id   4IFA
#
_cell.length_a   46.115
_cell.length_b   86.118
_cell.length_c   89.020
_cell.angle_alpha   90.00
_cell.angle_beta   90.00
_cell.angle_gamma   90.00
#
_symmetry.space_group_name_H-M   'P 21 21 21'
#
loop_
_entity.id
_entity.type
_entity.pdbx_description
1 polymer 'Extracellular protein containing a SCP domain'
2 non-polymer 'CHLORIDE ION'
3 non-polymer 1,2-ETHANEDIOL
4 non-polymer 2-AMINO-2-HYDROXYMETHYL-PROPANE-1,3-DIOL
5 non-polymer DI(HYDROXYETHYL)ETHER
6 water water
#
_entity_poly.entity_id   1
_entity_poly.type   'polypeptide(L)'
_entity_poly.pdbx_seq_one_letter_code
;(MSE)HHHHHHSSGVDLGTENLYFQSNALTPSQSKQENKIVKKKKQVNEDSSDTVLN(MSE)IGGDSENLLAKWGEPSRI
EPSAYGYEWWVYNQDLAQYVQFGVAERKVVTAYVAGEQVKVPPYYINEKYEDVYKKNPLSHEISLKRGKNSYQFELSDTE
V(MSE)EQPLVPVEDGWAQLYFDHFTHELVGVRY(MSE)DDETLLRQRPYQLVYSGELLAEQPLTPDK(MSE)KQIENGN
(MSE)QQIFDLTNIIRSRHNLPLLAWDQQTADVAIGHSKD(MSE)KDNNYFSHDSPTLGTLGDRLQRGKVGFQLAGENIA
AQHSDGVAALQGWLNSEGHRKNLLNEQFTGLGVGVYDKFYTQNFIRK
;
_entity_poly.pdbx_strand_id   A
#
# COMPACT_ATOMS: atom_id res chain seq x y z
N ILE A 36 16.50 17.60 -17.58
CA ILE A 36 16.00 18.79 -16.81
C ILE A 36 16.39 18.76 -15.33
N VAL A 37 17.15 19.77 -14.89
CA VAL A 37 17.52 19.90 -13.48
C VAL A 37 17.01 21.25 -13.00
N LYS A 38 15.97 21.22 -12.16
CA LYS A 38 15.35 22.42 -11.65
C LYS A 38 16.10 22.98 -10.45
N LYS A 39 15.99 24.30 -10.24
CA LYS A 39 16.61 24.97 -9.09
C LYS A 39 15.68 24.79 -7.87
N LYS A 40 16.25 24.38 -6.73
CA LYS A 40 15.46 24.12 -5.52
C LYS A 40 15.65 25.22 -4.45
N LYS A 41 16.17 26.39 -4.86
CA LYS A 41 16.48 27.53 -3.92
C LYS A 41 15.29 27.86 -3.05
N GLN A 42 15.54 28.10 -1.76
CA GLN A 42 14.46 28.46 -0.86
C GLN A 42 14.92 29.48 0.16
N VAL A 43 14.11 30.53 0.36
CA VAL A 43 14.33 31.51 1.45
C VAL A 43 13.08 31.69 2.35
N ASN A 44 11.91 31.20 1.94
CA ASN A 44 10.69 31.32 2.73
C ASN A 44 10.12 29.95 3.07
N GLU A 45 9.56 29.81 4.28
CA GLU A 45 8.88 28.56 4.64
C GLU A 45 7.70 28.33 3.68
N ASP A 46 7.52 27.10 3.22
CA ASP A 46 6.37 26.75 2.36
C ASP A 46 5.17 26.69 3.26
N SER A 47 4.14 27.46 2.90
CA SER A 47 2.91 27.55 3.68
C SER A 47 1.91 26.39 3.47
N SER A 48 2.16 25.55 2.48
N SER A 48 2.17 25.54 2.48
CA SER A 48 1.25 24.45 2.16
CA SER A 48 1.30 24.42 2.15
C SER A 48 1.21 23.39 3.26
C SER A 48 1.22 23.39 3.27
N ASP A 49 0.02 22.89 3.55
CA ASP A 49 -0.19 21.86 4.55
C ASP A 49 0.40 20.55 4.03
N THR A 50 0.87 19.74 4.97
CA THR A 50 1.40 18.43 4.66
C THR A 50 0.27 17.40 4.73
N VAL A 51 0.53 16.22 4.22
CA VAL A 51 -0.41 15.09 4.33
C VAL A 51 -0.75 14.87 5.80
N LEU A 52 0.23 14.82 6.68
CA LEU A 52 -0.04 14.62 8.12
C LEU A 52 -0.96 15.70 8.69
N ASN A 53 -0.77 16.95 8.27
CA ASN A 53 -1.63 18.08 8.72
C ASN A 53 -3.10 17.84 8.40
N ILE A 55 -4.69 14.92 8.60
CA ILE A 55 -5.22 13.89 9.46
C ILE A 55 -5.96 14.54 10.61
N GLY A 56 -7.23 14.16 10.77
CA GLY A 56 -8.12 14.71 11.80
C GLY A 56 -8.96 15.86 11.31
N GLY A 57 -8.61 16.42 10.16
CA GLY A 57 -9.34 17.52 9.55
C GLY A 57 -10.52 16.98 8.76
N ASP A 58 -11.36 17.87 8.28
CA ASP A 58 -12.50 17.37 7.53
C ASP A 58 -12.25 17.24 6.05
N SER A 59 -13.18 16.55 5.38
CA SER A 59 -13.02 16.30 3.97
C SER A 59 -13.13 17.55 3.15
N GLU A 60 -13.94 18.52 3.57
CA GLU A 60 -13.97 19.81 2.89
C GLU A 60 -12.59 20.47 2.84
N ASN A 61 -11.84 20.36 3.95
CA ASN A 61 -10.45 20.87 4.04
C ASN A 61 -9.54 20.11 3.04
N LEU A 62 -9.72 18.80 2.96
CA LEU A 62 -8.91 17.98 2.05
C LEU A 62 -9.23 18.39 0.62
N LEU A 63 -10.52 18.53 0.30
CA LEU A 63 -10.93 18.93 -1.05
C LEU A 63 -10.34 20.32 -1.42
N ALA A 64 -10.40 21.27 -0.49
CA ALA A 64 -9.84 22.62 -0.71
C ALA A 64 -8.34 22.66 -0.96
N LYS A 65 -7.59 21.88 -0.20
CA LYS A 65 -6.13 21.89 -0.21
C LYS A 65 -5.53 20.97 -1.29
N TRP A 66 -6.15 19.80 -1.51
CA TRP A 66 -5.66 18.80 -2.50
C TRP A 66 -6.41 18.71 -3.82
N GLY A 67 -7.60 19.30 -3.92
CA GLY A 67 -8.45 19.20 -5.11
C GLY A 67 -9.23 17.88 -5.14
N GLU A 68 -9.94 17.62 -6.21
CA GLU A 68 -10.72 16.40 -6.34
C GLU A 68 -9.77 15.23 -6.55
N PRO A 69 -10.00 14.12 -5.84
CA PRO A 69 -9.18 12.95 -6.08
C PRO A 69 -9.48 12.35 -7.46
N SER A 70 -8.55 11.52 -7.94
N SER A 70 -8.55 11.53 -7.96
CA SER A 70 -8.72 10.82 -9.21
CA SER A 70 -8.73 10.84 -9.25
C SER A 70 -9.82 9.78 -9.08
C SER A 70 -9.63 9.60 -9.18
N ARG A 71 -9.74 9.01 -7.99
CA ARG A 71 -10.63 7.86 -7.73
C ARG A 71 -11.09 7.95 -6.27
N ILE A 72 -12.30 7.49 -6.02
CA ILE A 72 -12.82 7.27 -4.66
C ILE A 72 -13.31 5.81 -4.65
N GLU A 73 -12.86 5.03 -3.67
CA GLU A 73 -13.20 3.61 -3.60
C GLU A 73 -13.24 3.15 -2.14
N PRO A 74 -14.09 2.16 -1.83
CA PRO A 74 -14.19 1.72 -0.43
C PRO A 74 -13.01 0.90 0.04
N SER A 75 -12.78 0.92 1.36
CA SER A 75 -11.80 0.05 2.01
C SER A 75 -12.58 -0.99 2.81
N ALA A 76 -11.87 -1.94 3.39
CA ALA A 76 -12.44 -2.98 4.25
C ALA A 76 -12.52 -2.50 5.72
N TYR A 77 -12.22 -1.22 5.99
CA TYR A 77 -12.07 -0.70 7.35
C TYR A 77 -12.88 0.57 7.62
N GLY A 78 -13.99 0.70 6.93
CA GLY A 78 -14.93 1.81 7.19
C GLY A 78 -14.67 3.21 6.65
N TYR A 79 -13.53 3.41 6.03
CA TYR A 79 -13.18 4.64 5.34
C TYR A 79 -13.16 4.37 3.83
N GLU A 80 -13.34 5.43 3.06
CA GLU A 80 -13.21 5.41 1.60
C GLU A 80 -11.84 6.01 1.27
N TRP A 81 -11.16 5.40 0.33
CA TRP A 81 -9.91 5.95 -0.16
C TRP A 81 -10.15 7.00 -1.22
N TRP A 82 -9.52 8.15 -1.04
CA TRP A 82 -9.50 9.25 -2.01
C TRP A 82 -8.08 9.17 -2.57
N VAL A 83 -7.94 8.79 -3.84
CA VAL A 83 -6.63 8.49 -4.42
C VAL A 83 -6.18 9.61 -5.35
N TYR A 84 -4.96 10.10 -5.11
CA TYR A 84 -4.30 11.13 -5.91
C TYR A 84 -3.10 10.47 -6.60
N ASN A 85 -3.38 9.88 -7.77
CA ASN A 85 -2.35 9.08 -8.48
C ASN A 85 -1.95 9.64 -9.83
N GLN A 86 -2.35 10.84 -10.19
CA GLN A 86 -2.04 11.30 -11.56
C GLN A 86 -0.59 11.72 -11.79
N ASP A 87 0.14 11.93 -10.70
CA ASP A 87 1.55 12.23 -10.75
C ASP A 87 2.21 11.27 -9.78
N LEU A 88 2.96 10.31 -10.32
CA LEU A 88 3.58 9.29 -9.46
C LEU A 88 4.55 9.86 -8.43
N ALA A 89 5.18 11.02 -8.71
CA ALA A 89 6.11 11.66 -7.77
C ALA A 89 5.39 12.24 -6.55
N GLN A 90 4.08 12.43 -6.67
CA GLN A 90 3.23 13.06 -5.63
C GLN A 90 2.16 12.11 -5.05
N TYR A 91 2.31 10.81 -5.28
CA TYR A 91 1.26 9.84 -4.95
C TYR A 91 0.93 9.84 -3.49
N VAL A 92 -0.37 10.06 -3.21
CA VAL A 92 -0.90 9.93 -1.89
C VAL A 92 -2.37 9.49 -2.00
N GLN A 93 -2.80 8.73 -1.01
CA GLN A 93 -4.22 8.35 -0.90
C GLN A 93 -4.62 8.58 0.54
N PHE A 94 -5.77 9.23 0.70
CA PHE A 94 -6.35 9.60 2.02
C PHE A 94 -7.57 8.77 2.30
N GLY A 95 -7.75 8.36 3.53
CA GLY A 95 -8.96 7.62 3.94
C GLY A 95 -9.90 8.55 4.68
N VAL A 96 -11.15 8.64 4.20
CA VAL A 96 -12.19 9.50 4.72
C VAL A 96 -13.35 8.66 5.28
N ALA A 97 -13.74 8.95 6.50
CA ALA A 97 -14.85 8.26 7.19
C ALA A 97 -15.68 9.34 7.82
N GLU A 98 -16.98 9.34 7.53
N GLU A 98 -16.98 9.35 7.53
CA GLU A 98 -17.90 10.35 8.05
CA GLU A 98 -17.90 10.35 8.07
C GLU A 98 -17.31 11.76 7.92
C GLU A 98 -17.34 11.77 7.91
N ARG A 99 -16.86 12.06 6.70
CA ARG A 99 -16.29 13.37 6.33
C ARG A 99 -15.11 13.86 7.15
N LYS A 100 -14.38 12.90 7.75
N LYS A 100 -14.36 12.90 7.70
CA LYS A 100 -13.15 13.19 8.49
CA LYS A 100 -13.14 13.18 8.44
C LYS A 100 -12.00 12.37 7.90
C LYS A 100 -12.00 12.35 7.90
N VAL A 101 -10.80 12.94 7.88
CA VAL A 101 -9.60 12.26 7.37
C VAL A 101 -9.01 11.43 8.52
N VAL A 102 -9.02 10.11 8.38
CA VAL A 102 -8.60 9.19 9.43
C VAL A 102 -7.29 8.44 9.15
N THR A 103 -6.84 8.45 7.92
CA THR A 103 -5.63 7.75 7.51
C THR A 103 -5.12 8.29 6.21
N ALA A 104 -3.85 8.00 5.89
CA ALA A 104 -3.30 8.33 4.57
C ALA A 104 -2.12 7.44 4.32
N TYR A 105 -1.87 7.14 3.05
CA TYR A 105 -0.67 6.43 2.65
C TYR A 105 0.04 7.27 1.59
N VAL A 106 1.32 7.57 1.88
CA VAL A 106 2.22 8.34 1.03
C VAL A 106 3.21 7.43 0.34
N ALA A 107 3.27 7.50 -1.01
CA ALA A 107 4.28 6.77 -1.79
C ALA A 107 5.10 7.67 -2.69
N GLY A 108 4.65 8.85 -3.04
CA GLY A 108 5.38 9.72 -3.95
C GLY A 108 6.68 10.21 -3.37
N GLU A 109 7.75 10.09 -4.16
N GLU A 109 7.78 10.07 -4.12
CA GLU A 109 9.07 10.45 -3.72
CA GLU A 109 9.08 10.44 -3.59
C GLU A 109 9.22 11.89 -3.25
C GLU A 109 9.18 11.90 -3.18
N GLN A 110 8.39 12.78 -3.79
CA GLN A 110 8.48 14.19 -3.47
C GLN A 110 7.51 14.65 -2.42
N VAL A 111 6.67 13.76 -1.91
CA VAL A 111 5.68 14.18 -0.90
C VAL A 111 6.37 14.43 0.44
N LYS A 112 6.07 15.57 1.05
N LYS A 112 6.12 15.59 1.04
CA LYS A 112 6.67 15.92 2.33
CA LYS A 112 6.76 15.96 2.31
C LYS A 112 6.16 15.03 3.45
C LYS A 112 6.20 15.15 3.50
N VAL A 113 7.10 14.43 4.18
CA VAL A 113 6.79 13.60 5.33
C VAL A 113 7.72 13.94 6.53
N PRO A 114 7.88 15.24 6.83
CA PRO A 114 8.78 15.60 7.94
C PRO A 114 8.39 14.85 9.21
N PRO A 115 9.39 14.47 10.04
CA PRO A 115 10.83 14.77 9.94
C PRO A 115 11.65 13.88 9.05
N TYR A 116 10.99 13.08 8.22
CA TYR A 116 11.65 12.15 7.34
C TYR A 116 11.59 12.65 5.89
N TYR A 117 12.15 11.84 4.98
CA TYR A 117 11.95 12.02 3.53
C TYR A 117 11.86 10.64 2.90
N ILE A 118 11.10 10.50 1.82
CA ILE A 118 11.03 9.22 1.10
C ILE A 118 12.42 9.06 0.49
N ASN A 119 13.05 7.89 0.77
CA ASN A 119 14.40 7.45 0.39
C ASN A 119 15.36 7.46 1.59
N GLU A 120 14.95 8.03 2.71
CA GLU A 120 15.83 8.14 3.87
C GLU A 120 16.28 6.79 4.40
N LYS A 121 17.53 6.68 4.80
CA LYS A 121 18.06 5.46 5.34
C LYS A 121 17.51 5.13 6.72
N TYR A 122 17.24 3.84 6.94
CA TYR A 122 16.72 3.36 8.21
C TYR A 122 17.55 3.89 9.42
N GLU A 123 18.88 3.82 9.36
CA GLU A 123 19.70 4.25 10.51
C GLU A 123 19.41 5.71 10.88
N ASP A 124 19.16 6.55 9.89
CA ASP A 124 18.86 7.97 10.15
C ASP A 124 17.45 8.18 10.65
N VAL A 125 16.50 7.38 10.16
CA VAL A 125 15.12 7.45 10.63
C VAL A 125 15.07 7.06 12.12
N TYR A 126 15.78 5.97 12.49
CA TYR A 126 15.74 5.46 13.86
C TYR A 126 16.32 6.43 14.82
N LYS A 127 17.48 6.95 14.46
CA LYS A 127 18.26 7.79 15.35
C LYS A 127 17.50 8.98 15.85
N LYS A 128 16.67 9.55 14.99
CA LYS A 128 15.97 10.78 15.37
C LYS A 128 14.80 10.49 16.32
N ASN A 129 14.31 9.24 16.32
N ASN A 129 14.32 9.25 16.34
CA ASN A 129 13.23 8.84 17.22
CA ASN A 129 13.22 8.86 17.22
C ASN A 129 13.18 7.32 17.31
C ASN A 129 13.16 7.32 17.31
N PRO A 130 14.01 6.73 18.19
CA PRO A 130 14.07 5.28 18.35
C PRO A 130 12.71 4.57 18.31
N LEU A 131 12.67 3.51 17.49
CA LEU A 131 11.49 2.72 17.16
C LEU A 131 11.29 1.62 18.17
N SER A 132 10.09 1.53 18.76
CA SER A 132 9.81 0.54 19.83
C SER A 132 9.26 -0.79 19.32
N HIS A 133 9.52 -1.87 20.06
CA HIS A 133 8.99 -3.20 19.75
C HIS A 133 7.62 -3.41 20.36
N GLU A 134 7.19 -2.48 21.20
CA GLU A 134 5.89 -2.55 21.87
C GLU A 134 5.18 -1.22 21.72
N ILE A 135 3.91 -1.27 21.37
CA ILE A 135 3.10 -0.08 21.24
C ILE A 135 1.86 -0.32 22.08
N SER A 136 1.56 0.60 22.99
CA SER A 136 0.41 0.47 23.87
C SER A 136 -0.56 1.64 23.67
N LEU A 137 -1.85 1.34 23.70
CA LEU A 137 -2.89 2.36 23.62
C LEU A 137 -4.16 1.84 24.27
N LYS A 138 -5.12 2.75 24.45
CA LYS A 138 -6.40 2.40 25.06
C LYS A 138 -7.55 3.12 24.36
N ARG A 139 -8.69 2.43 24.30
CA ARG A 139 -9.94 2.98 23.77
C ARG A 139 -11.01 2.59 24.76
N GLY A 140 -11.67 3.58 25.34
CA GLY A 140 -12.66 3.33 26.39
C GLY A 140 -11.89 2.81 27.58
N LYS A 141 -12.35 1.71 28.16
CA LYS A 141 -11.65 1.09 29.30
C LYS A 141 -10.90 -0.20 28.90
N ASN A 142 -10.64 -0.35 27.60
CA ASN A 142 -9.91 -1.53 27.09
C ASN A 142 -8.46 -1.17 26.79
N SER A 143 -7.57 -2.15 26.94
CA SER A 143 -6.13 -1.94 26.72
C SER A 143 -5.62 -2.79 25.57
N TYR A 144 -4.72 -2.21 24.77
CA TYR A 144 -4.18 -2.88 23.62
C TYR A 144 -2.66 -2.78 23.62
N GLN A 145 -1.98 -3.87 23.27
CA GLN A 145 -0.53 -3.87 23.16
C GLN A 145 -0.10 -4.62 21.90
N PHE A 146 0.45 -3.88 20.94
CA PHE A 146 1.02 -4.51 19.76
C PHE A 146 2.44 -4.98 20.09
N GLU A 147 2.78 -6.17 19.64
CA GLU A 147 4.10 -6.73 19.81
C GLU A 147 4.74 -6.90 18.45
N LEU A 148 5.66 -6.01 18.09
CA LEU A 148 6.32 -6.10 16.78
C LEU A 148 7.45 -7.11 16.82
N SER A 149 7.54 -7.93 15.77
CA SER A 149 8.66 -8.86 15.60
C SER A 149 9.90 -8.09 15.17
N ASP A 150 11.05 -8.77 15.21
CA ASP A 150 12.30 -8.14 14.78
C ASP A 150 12.18 -7.71 13.32
N THR A 151 11.54 -8.54 12.51
CA THR A 151 11.33 -8.23 11.08
C THR A 151 10.47 -6.99 10.88
N GLU A 152 9.37 -6.92 11.62
CA GLU A 152 8.48 -5.77 11.57
C GLU A 152 9.16 -4.46 12.00
N VAL A 153 10.02 -4.53 13.02
CA VAL A 153 10.75 -3.35 13.44
C VAL A 153 11.67 -2.81 12.31
N GLU A 155 11.23 -3.58 8.85
CA GLU A 155 10.48 -3.35 7.63
C GLU A 155 9.31 -2.40 7.67
N GLN A 156 8.62 -2.31 8.82
CA GLN A 156 7.41 -1.51 8.94
C GLN A 156 7.10 -1.10 10.37
N PRO A 157 8.08 -0.43 11.02
CA PRO A 157 7.91 0.01 12.41
C PRO A 157 6.83 1.12 12.52
N LEU A 158 6.41 1.38 13.77
CA LEU A 158 5.38 2.36 14.11
C LEU A 158 5.92 3.44 15.05
N VAL A 159 5.64 4.71 14.73
N VAL A 159 5.58 4.69 14.75
CA VAL A 159 6.08 5.86 15.55
CA VAL A 159 6.00 5.82 15.54
C VAL A 159 4.87 6.72 15.87
C VAL A 159 4.76 6.61 15.93
N PRO A 160 4.76 7.19 17.13
CA PRO A 160 3.63 8.01 17.51
C PRO A 160 3.76 9.40 16.90
N VAL A 161 2.62 9.99 16.52
N VAL A 161 2.63 9.99 16.51
CA VAL A 161 2.57 11.34 15.96
CA VAL A 161 2.62 11.39 16.08
C VAL A 161 1.39 12.03 16.68
C VAL A 161 1.47 12.05 16.82
N GLU A 162 1.35 13.37 16.73
CA GLU A 162 0.26 14.08 17.45
C GLU A 162 -1.09 13.50 17.03
N ASP A 163 -1.91 13.05 17.99
N ASP A 163 -1.82 13.00 18.04
CA ASP A 163 -3.18 12.39 17.62
CA ASP A 163 -3.14 12.34 17.89
C ASP A 163 -3.06 11.30 16.57
C ASP A 163 -3.20 11.10 16.97
N GLY A 164 -2.07 10.43 16.73
CA GLY A 164 -2.02 9.29 15.86
C GLY A 164 -0.72 8.54 15.75
N TRP A 165 -0.55 7.87 14.62
CA TRP A 165 0.59 7.00 14.38
C TRP A 165 1.07 7.11 12.95
N ALA A 166 2.34 6.77 12.73
CA ALA A 166 2.92 6.67 11.39
C ALA A 166 3.59 5.32 11.28
N GLN A 167 3.15 4.52 10.33
CA GLN A 167 3.78 3.24 10.01
C GLN A 167 4.78 3.55 8.88
N LEU A 168 6.03 3.23 9.11
CA LEU A 168 7.14 3.61 8.21
C LEU A 168 7.56 2.38 7.42
N TYR A 169 7.18 2.35 6.14
CA TYR A 169 7.46 1.19 5.31
C TYR A 169 8.84 1.32 4.68
N PHE A 170 9.69 0.33 4.94
CA PHE A 170 11.05 0.26 4.38
C PHE A 170 11.20 -0.87 3.36
N ASP A 171 12.11 -0.66 2.43
CA ASP A 171 12.68 -1.71 1.62
C ASP A 171 13.92 -2.14 2.41
N HIS A 172 13.86 -3.29 3.07
CA HIS A 172 14.99 -3.71 3.94
C HIS A 172 16.22 -4.08 3.16
N PHE A 173 16.07 -4.31 1.85
CA PHE A 173 17.27 -4.68 1.05
C PHE A 173 18.11 -3.42 0.75
N THR A 174 17.43 -2.30 0.56
CA THR A 174 18.14 -1.04 0.29
C THR A 174 18.21 -0.16 1.54
N HIS A 175 17.50 -0.56 2.61
CA HIS A 175 17.44 0.17 3.88
C HIS A 175 16.80 1.55 3.75
N GLU A 176 15.93 1.74 2.78
CA GLU A 176 15.32 3.04 2.53
C GLU A 176 13.83 3.10 2.79
N LEU A 177 13.39 4.26 3.31
CA LEU A 177 11.96 4.55 3.55
C LEU A 177 11.26 4.68 2.19
N VAL A 178 10.23 3.87 1.95
CA VAL A 178 9.54 3.84 0.67
C VAL A 178 8.05 4.22 0.77
N GLY A 179 7.51 4.27 1.98
CA GLY A 179 6.12 4.74 2.16
C GLY A 179 5.84 5.08 3.60
N VAL A 180 4.79 5.88 3.82
CA VAL A 180 4.38 6.23 5.18
C VAL A 180 2.86 6.09 5.24
N ARG A 181 2.38 5.29 6.20
CA ARG A 181 0.95 5.14 6.45
C ARG A 181 0.61 5.81 7.76
N TYR A 182 -0.09 6.95 7.71
CA TYR A 182 -0.55 7.63 8.89
C TYR A 182 -1.90 7.04 9.28
N ASP A 184 -5.03 7.18 12.58
CA ASP A 184 -5.53 7.55 13.90
C ASP A 184 -5.65 6.25 14.74
N ASP A 185 -5.96 6.37 16.03
CA ASP A 185 -6.04 5.18 16.90
C ASP A 185 -7.01 4.12 16.37
N GLU A 186 -8.20 4.57 15.97
CA GLU A 186 -9.27 3.68 15.51
C GLU A 186 -8.80 2.89 14.27
N THR A 187 -8.15 3.57 13.33
CA THR A 187 -7.66 2.88 12.16
C THR A 187 -6.58 1.86 12.49
N LEU A 188 -5.65 2.19 13.39
CA LEU A 188 -4.58 1.25 13.77
C LEU A 188 -5.16 -0.07 14.34
N LEU A 189 -6.16 0.06 15.17
CA LEU A 189 -6.79 -1.11 15.80
C LEU A 189 -7.52 -2.01 14.78
N ARG A 190 -8.14 -1.41 13.76
CA ARG A 190 -8.84 -2.14 12.68
C ARG A 190 -7.87 -2.89 11.74
N GLN A 191 -6.84 -2.18 11.28
N GLN A 191 -6.83 -2.21 11.29
CA GLN A 191 -5.77 -2.70 10.40
CA GLN A 191 -5.84 -2.79 10.38
C GLN A 191 -5.00 -3.85 11.05
C GLN A 191 -4.96 -3.86 11.05
N ARG A 192 -4.69 -3.70 12.34
CA ARG A 192 -3.89 -4.70 13.10
C ARG A 192 -2.63 -5.16 12.36
N PRO A 193 -1.68 -4.25 12.14
CA PRO A 193 -0.52 -4.65 11.36
C PRO A 193 0.43 -5.64 12.02
N TYR A 194 0.33 -5.79 13.34
CA TYR A 194 1.21 -6.65 14.11
C TYR A 194 0.38 -7.50 15.08
N GLN A 195 1.04 -8.45 15.73
CA GLN A 195 0.42 -9.29 16.74
C GLN A 195 -0.15 -8.38 17.82
N LEU A 196 -1.39 -8.65 18.26
CA LEU A 196 -2.09 -7.81 19.23
C LEU A 196 -2.60 -8.54 20.47
N VAL A 197 -2.24 -8.01 21.64
CA VAL A 197 -2.71 -8.53 22.93
C VAL A 197 -3.67 -7.47 23.45
N TYR A 198 -4.89 -7.87 23.83
CA TYR A 198 -5.92 -6.91 24.25
C TYR A 198 -6.81 -7.44 25.37
N SER A 199 -7.69 -6.56 25.88
CA SER A 199 -8.61 -6.85 26.99
C SER A 199 -9.89 -7.66 26.64
N GLY A 200 -10.84 -7.04 25.94
CA GLY A 200 -12.09 -7.72 25.58
C GLY A 200 -13.13 -6.79 24.98
N PRO A 207 -19.99 -5.86 8.49
CA PRO A 207 -20.75 -6.69 7.57
C PRO A 207 -20.74 -6.13 6.15
N LEU A 208 -19.80 -6.60 5.33
CA LEU A 208 -19.66 -6.11 3.96
C LEU A 208 -20.45 -7.00 2.99
N THR A 209 -21.26 -6.41 2.14
CA THR A 209 -21.99 -7.18 1.13
C THR A 209 -21.01 -7.72 0.10
N PRO A 210 -21.40 -8.76 -0.63
CA PRO A 210 -20.52 -9.24 -1.67
C PRO A 210 -20.20 -8.18 -2.75
N ASP A 211 -21.19 -7.32 -3.08
CA ASP A 211 -20.89 -6.28 -4.09
C ASP A 211 -19.93 -5.22 -3.54
N LYS A 212 -20.04 -4.87 -2.25
CA LYS A 212 -19.07 -3.94 -1.68
C LYS A 212 -17.70 -4.58 -1.68
N LYS A 214 -16.50 -6.64 -3.81
CA LYS A 214 -15.97 -6.54 -5.19
C LYS A 214 -15.34 -5.14 -5.42
N GLN A 215 -16.00 -4.09 -4.94
N GLN A 215 -16.00 -4.09 -4.94
CA GLN A 215 -15.49 -2.73 -5.05
CA GLN A 215 -15.47 -2.73 -5.08
C GLN A 215 -14.18 -2.56 -4.27
C GLN A 215 -14.18 -2.53 -4.27
N ILE A 216 -14.12 -3.14 -3.09
CA ILE A 216 -12.90 -3.08 -2.24
C ILE A 216 -11.74 -3.79 -2.97
N GLU A 217 -12.05 -4.96 -3.53
CA GLU A 217 -11.05 -5.74 -4.27
C GLU A 217 -10.51 -4.93 -5.46
N ASN A 218 -11.42 -4.28 -6.19
N ASN A 218 -11.39 -4.25 -6.19
CA ASN A 218 -11.03 -3.46 -7.35
CA ASN A 218 -10.92 -3.47 -7.34
C ASN A 218 -10.07 -2.34 -6.93
C ASN A 218 -9.97 -2.37 -6.88
N GLY A 219 -10.30 -1.75 -5.75
CA GLY A 219 -9.43 -0.70 -5.21
C GLY A 219 -8.05 -1.26 -4.90
N ASN A 220 -8.03 -2.40 -4.23
CA ASN A 220 -6.77 -3.05 -3.92
C ASN A 220 -5.99 -3.38 -5.20
N GLN A 222 -6.09 -1.81 -8.25
N GLN A 222 -6.11 -1.82 -8.23
CA GLN A 222 -5.52 -0.61 -8.87
CA GLN A 222 -5.60 -0.59 -8.84
C GLN A 222 -4.42 0.00 -8.01
C GLN A 222 -4.49 0.05 -8.02
N GLN A 223 -4.59 -0.01 -6.71
CA GLN A 223 -3.51 0.51 -5.81
C GLN A 223 -2.24 -0.33 -6.00
N ILE A 224 -2.36 -1.65 -6.01
CA ILE A 224 -1.18 -2.47 -6.23
C ILE A 224 -0.55 -2.11 -7.57
N PHE A 225 -1.34 -1.99 -8.62
CA PHE A 225 -0.81 -1.61 -9.93
C PHE A 225 -0.02 -0.30 -9.93
N ASP A 226 -0.63 0.75 -9.45
CA ASP A 226 0.05 2.04 -9.43
C ASP A 226 1.30 2.02 -8.54
N LEU A 227 1.21 1.38 -7.38
CA LEU A 227 2.32 1.38 -6.44
C LEU A 227 3.44 0.49 -6.97
N THR A 228 3.11 -0.51 -7.80
CA THR A 228 4.16 -1.33 -8.47
C THR A 228 4.90 -0.41 -9.45
N ASN A 229 4.18 0.45 -10.17
CA ASN A 229 4.84 1.35 -11.10
C ASN A 229 5.72 2.40 -10.36
N ILE A 230 5.35 2.78 -9.14
CA ILE A 230 6.22 3.62 -8.31
C ILE A 230 7.53 2.89 -8.01
N ILE A 231 7.43 1.60 -7.67
CA ILE A 231 8.62 0.80 -7.49
C ILE A 231 9.44 0.76 -8.79
N ARG A 232 8.80 0.50 -9.92
CA ARG A 232 9.51 0.42 -11.22
C ARG A 232 10.27 1.75 -11.45
N SER A 233 9.60 2.87 -11.26
CA SER A 233 10.22 4.17 -11.46
C SER A 233 11.43 4.40 -10.55
N ARG A 234 11.28 4.01 -9.28
N ARG A 234 11.31 4.04 -9.26
CA ARG A 234 12.34 4.14 -8.28
CA ARG A 234 12.43 4.22 -8.31
C ARG A 234 13.62 3.40 -8.73
C ARG A 234 13.66 3.41 -8.75
N HIS A 235 13.41 2.25 -9.36
CA HIS A 235 14.48 1.34 -9.86
C HIS A 235 14.84 1.56 -11.33
N ASN A 236 14.40 2.68 -11.90
CA ASN A 236 14.79 3.06 -13.27
C ASN A 236 14.42 2.02 -14.31
N LEU A 237 13.24 1.47 -14.14
CA LEU A 237 12.68 0.47 -15.04
C LEU A 237 11.49 1.03 -15.79
N PRO A 238 11.20 0.49 -16.97
CA PRO A 238 10.03 0.96 -17.67
C PRO A 238 8.78 0.57 -16.89
N LEU A 239 7.74 1.39 -17.03
CA LEU A 239 6.51 1.14 -16.35
C LEU A 239 5.76 -0.01 -17.03
N LEU A 240 4.92 -0.66 -16.26
CA LEU A 240 4.11 -1.75 -16.75
C LEU A 240 2.72 -1.22 -17.14
N ALA A 241 2.21 -1.75 -18.26
CA ALA A 241 0.87 -1.44 -18.75
C ALA A 241 -0.15 -2.38 -18.16
N TRP A 242 -1.31 -1.87 -17.77
CA TRP A 242 -2.40 -2.68 -17.25
C TRP A 242 -2.94 -3.58 -18.33
N ASP A 243 -3.16 -4.86 -17.97
CA ASP A 243 -3.77 -5.78 -18.92
C ASP A 243 -5.00 -6.40 -18.27
N GLN A 244 -6.16 -6.02 -18.77
CA GLN A 244 -7.41 -6.48 -18.15
C GLN A 244 -7.62 -8.00 -18.24
N GLN A 245 -7.34 -8.59 -19.39
N GLN A 245 -7.35 -8.59 -19.40
CA GLN A 245 -7.54 -10.02 -19.55
CA GLN A 245 -7.49 -10.05 -19.55
C GLN A 245 -6.64 -10.83 -18.58
C GLN A 245 -6.66 -10.79 -18.52
N THR A 246 -5.43 -10.31 -18.31
CA THR A 246 -4.52 -10.91 -17.34
C THR A 246 -5.05 -10.72 -15.90
N ALA A 247 -5.59 -9.51 -15.62
CA ALA A 247 -6.18 -9.24 -14.33
C ALA A 247 -7.33 -10.21 -14.03
N ASP A 248 -8.17 -10.50 -15.04
CA ASP A 248 -9.27 -11.47 -14.86
C ASP A 248 -8.73 -12.86 -14.50
N VAL A 249 -7.62 -13.26 -15.12
CA VAL A 249 -6.97 -14.54 -14.78
C VAL A 249 -6.48 -14.51 -13.33
N ALA A 250 -5.84 -13.42 -12.91
CA ALA A 250 -5.35 -13.26 -11.55
C ALA A 250 -6.49 -13.33 -10.52
N ILE A 251 -7.62 -12.69 -10.80
CA ILE A 251 -8.79 -12.74 -9.90
C ILE A 251 -9.25 -14.20 -9.72
N GLY A 252 -9.31 -14.93 -10.83
CA GLY A 252 -9.69 -16.34 -10.76
C GLY A 252 -8.77 -17.17 -9.88
N HIS A 253 -7.48 -16.89 -9.94
CA HIS A 253 -6.52 -17.62 -9.11
C HIS A 253 -6.70 -17.28 -7.63
N SER A 254 -6.84 -15.99 -7.33
CA SER A 254 -7.07 -15.58 -5.95
C SER A 254 -8.32 -16.26 -5.36
N LYS A 255 -9.39 -16.32 -6.15
CA LYS A 255 -10.64 -16.95 -5.74
C LYS A 255 -10.46 -18.46 -5.53
N ASP A 256 -9.73 -19.11 -6.43
CA ASP A 256 -9.46 -20.55 -6.33
C ASP A 256 -8.71 -20.88 -5.04
N LYS A 258 -8.65 -19.13 -2.21
CA LYS A 258 -9.53 -18.88 -1.07
C LYS A 258 -10.54 -20.01 -0.95
N ASP A 259 -11.20 -20.32 -2.06
CA ASP A 259 -12.26 -21.34 -2.04
C ASP A 259 -11.77 -22.76 -1.73
N ASN A 260 -10.60 -23.10 -2.26
CA ASN A 260 -10.05 -24.46 -2.12
C ASN A 260 -8.92 -24.63 -1.14
N ASN A 261 -8.73 -23.63 -0.27
CA ASN A 261 -7.85 -23.79 0.88
C ASN A 261 -6.44 -24.27 0.58
N TYR A 262 -5.83 -23.58 -0.40
CA TYR A 262 -4.42 -23.81 -0.73
C TYR A 262 -3.78 -22.47 -1.08
N PHE A 263 -2.45 -22.48 -1.09
CA PHE A 263 -1.69 -21.29 -1.43
C PHE A 263 -0.49 -21.79 -2.21
N SER A 264 -0.54 -21.61 -3.53
CA SER A 264 0.50 -22.10 -4.43
C SER A 264 0.35 -21.45 -5.79
N HIS A 265 1.43 -21.48 -6.55
CA HIS A 265 1.38 -21.09 -7.95
C HIS A 265 0.61 -22.11 -8.80
N ASP A 266 0.57 -23.35 -8.32
CA ASP A 266 -0.09 -24.42 -9.06
C ASP A 266 -1.46 -24.72 -8.44
N SER A 267 -2.49 -24.65 -9.25
CA SER A 267 -3.84 -25.02 -8.83
C SER A 267 -4.04 -26.52 -8.95
N PRO A 268 -4.50 -27.19 -7.87
CA PRO A 268 -4.73 -28.62 -7.96
C PRO A 268 -5.68 -28.98 -9.10
N THR A 269 -6.65 -28.13 -9.40
CA THR A 269 -7.64 -28.42 -10.47
C THR A 269 -7.50 -27.64 -11.78
N LEU A 270 -6.89 -26.45 -11.74
CA LEU A 270 -6.80 -25.57 -12.90
C LEU A 270 -5.40 -25.35 -13.49
N GLY A 271 -4.39 -26.01 -12.92
CA GLY A 271 -3.04 -26.02 -13.45
C GLY A 271 -2.08 -24.90 -13.07
N THR A 272 -1.07 -24.70 -13.93
CA THR A 272 0.00 -23.77 -13.76
C THR A 272 -0.42 -22.38 -14.20
N LEU A 273 0.43 -21.42 -13.88
CA LEU A 273 0.22 -20.03 -14.37
C LEU A 273 -0.02 -20.02 -15.90
N GLY A 274 0.82 -20.74 -16.63
CA GLY A 274 0.67 -20.83 -18.08
C GLY A 274 -0.70 -21.37 -18.50
N ASP A 275 -1.14 -22.45 -17.85
CA ASP A 275 -2.47 -23.00 -18.15
C ASP A 275 -3.57 -21.97 -17.93
N ARG A 276 -3.48 -21.23 -16.81
CA ARG A 276 -4.50 -20.25 -16.49
C ARG A 276 -4.56 -19.10 -17.53
N LEU A 277 -3.39 -18.59 -17.88
CA LEU A 277 -3.31 -17.45 -18.84
C LEU A 277 -3.86 -17.88 -20.20
N GLN A 278 -3.47 -19.05 -20.67
CA GLN A 278 -4.00 -19.62 -21.89
C GLN A 278 -5.54 -19.73 -21.83
N ARG A 279 -6.07 -20.23 -20.71
CA ARG A 279 -7.52 -20.35 -20.54
C ARG A 279 -8.24 -19.01 -20.61
N GLY A 280 -7.57 -17.94 -20.14
CA GLY A 280 -8.12 -16.58 -20.17
C GLY A 280 -7.84 -15.83 -21.46
N LYS A 281 -7.32 -16.54 -22.46
CA LYS A 281 -7.03 -16.02 -23.79
C LYS A 281 -5.86 -15.01 -23.83
N VAL A 282 -4.95 -15.14 -22.88
CA VAL A 282 -3.79 -14.26 -22.82
C VAL A 282 -2.56 -14.91 -23.49
N GLY A 283 -2.09 -14.29 -24.58
CA GLY A 283 -0.87 -14.73 -25.23
C GLY A 283 0.27 -13.97 -24.59
N PHE A 284 1.43 -14.59 -24.46
CA PHE A 284 2.55 -13.91 -23.84
C PHE A 284 3.86 -14.56 -24.25
N GLN A 285 4.93 -13.76 -24.23
CA GLN A 285 6.28 -14.20 -24.49
C GLN A 285 6.88 -14.72 -23.20
N LEU A 286 6.43 -14.19 -22.08
CA LEU A 286 6.94 -14.55 -20.75
C LEU A 286 5.91 -14.13 -19.69
N ALA A 287 5.87 -14.86 -18.57
CA ALA A 287 4.94 -14.59 -17.49
C ALA A 287 5.59 -14.85 -16.13
N GLY A 288 5.08 -14.16 -15.13
CA GLY A 288 5.51 -14.34 -13.74
C GLY A 288 4.35 -14.06 -12.80
N GLU A 289 4.44 -14.57 -11.58
CA GLU A 289 3.36 -14.39 -10.61
C GLU A 289 3.86 -14.15 -9.21
N ASN A 290 3.21 -13.20 -8.51
CA ASN A 290 3.38 -13.05 -7.08
C ASN A 290 2.01 -13.27 -6.44
N ILE A 291 1.99 -14.03 -5.36
CA ILE A 291 0.80 -14.31 -4.57
C ILE A 291 1.01 -13.92 -3.11
N ALA A 292 -0.07 -13.48 -2.47
CA ALA A 292 -0.08 -13.11 -1.06
C ALA A 292 -1.44 -13.38 -0.46
N ALA A 293 -1.46 -13.70 0.82
CA ALA A 293 -2.71 -13.90 1.53
C ALA A 293 -2.67 -13.35 2.95
N GLN A 294 -3.79 -12.74 3.33
CA GLN A 294 -4.08 -12.27 4.68
C GLN A 294 -3.57 -10.91 5.10
N HIS A 295 -2.74 -10.29 4.26
CA HIS A 295 -2.32 -8.91 4.50
C HIS A 295 -3.59 -8.04 4.61
N SER A 296 -3.50 -6.96 5.37
CA SER A 296 -4.69 -6.10 5.59
C SER A 296 -5.26 -5.48 4.34
N ASP A 297 -4.40 -5.07 3.43
CA ASP A 297 -4.78 -4.45 2.19
C ASP A 297 -3.69 -4.56 1.15
N GLY A 298 -3.93 -4.01 -0.04
CA GLY A 298 -3.00 -4.12 -1.15
C GLY A 298 -1.67 -3.48 -0.88
N VAL A 299 -1.67 -2.32 -0.24
CA VAL A 299 -0.45 -1.63 0.19
C VAL A 299 0.41 -2.58 1.03
N ALA A 300 -0.19 -3.26 1.99
CA ALA A 300 0.55 -4.18 2.85
C ALA A 300 1.06 -5.39 2.09
N ALA A 301 0.24 -5.95 1.20
CA ALA A 301 0.70 -7.09 0.38
C ALA A 301 1.88 -6.73 -0.47
N LEU A 302 1.83 -5.59 -1.13
CA LEU A 302 2.93 -5.18 -2.02
C LEU A 302 4.24 -4.97 -1.22
N GLN A 303 4.15 -4.43 0.00
N GLN A 303 4.13 -4.42 -0.02
CA GLN A 303 5.34 -4.23 0.82
CA GLN A 303 5.28 -4.21 0.85
C GLN A 303 5.92 -5.59 1.25
C GLN A 303 5.91 -5.59 1.18
N GLY A 304 5.06 -6.59 1.40
CA GLY A 304 5.53 -7.95 1.67
C GLY A 304 6.29 -8.49 0.47
N TRP A 305 5.77 -8.26 -0.74
CA TRP A 305 6.46 -8.70 -1.96
C TRP A 305 7.81 -8.00 -2.17
N LEU A 306 7.84 -6.70 -1.94
CA LEU A 306 9.10 -5.93 -2.10
C LEU A 306 10.19 -6.46 -1.21
N ASN A 307 9.79 -6.91 0.00
CA ASN A 307 10.73 -7.42 0.99
C ASN A 307 11.02 -8.92 0.98
N SER A 308 10.68 -9.55 -0.14
CA SER A 308 10.94 -11.01 -0.32
C SER A 308 11.73 -11.19 -1.63
N GLU A 309 12.89 -11.84 -1.60
CA GLU A 309 13.74 -11.94 -2.79
C GLU A 309 13.03 -12.46 -4.03
N GLY A 310 12.29 -13.55 -3.89
CA GLY A 310 11.66 -14.16 -5.06
C GLY A 310 10.60 -13.30 -5.71
N HIS A 311 9.83 -12.65 -4.86
CA HIS A 311 8.76 -11.81 -5.35
C HIS A 311 9.30 -10.52 -5.96
N ARG A 312 10.33 -9.98 -5.30
CA ARG A 312 11.04 -8.78 -5.77
C ARG A 312 11.61 -8.98 -7.16
N LYS A 313 12.12 -10.18 -7.45
CA LYS A 313 12.63 -10.48 -8.79
C LYS A 313 11.56 -10.18 -9.85
N ASN A 314 10.29 -10.54 -9.60
CA ASN A 314 9.25 -10.26 -10.59
C ASN A 314 8.98 -8.77 -10.69
N LEU A 315 8.90 -8.09 -9.54
CA LEU A 315 8.70 -6.64 -9.53
C LEU A 315 9.72 -5.90 -10.36
N LEU A 316 10.96 -6.36 -10.31
CA LEU A 316 12.09 -5.64 -10.90
C LEU A 316 12.57 -6.19 -12.24
N ASN A 317 11.79 -7.10 -12.83
CA ASN A 317 12.21 -7.69 -14.09
C ASN A 317 11.93 -6.79 -15.26
N GLU A 318 12.98 -6.28 -15.89
CA GLU A 318 12.81 -5.39 -17.04
C GLU A 318 12.15 -6.10 -18.25
N GLN A 319 12.20 -7.43 -18.29
CA GLN A 319 11.59 -8.17 -19.41
C GLN A 319 10.06 -8.00 -19.47
N PHE A 320 9.42 -7.79 -18.31
CA PHE A 320 7.96 -7.63 -18.26
C PHE A 320 7.51 -6.27 -18.77
N THR A 321 6.41 -6.29 -19.52
CA THR A 321 5.80 -5.13 -20.10
C THR A 321 4.41 -4.82 -19.58
N GLY A 322 3.73 -5.82 -19.04
CA GLY A 322 2.34 -5.69 -18.60
C GLY A 322 2.12 -6.33 -17.24
N LEU A 323 1.01 -5.95 -16.63
CA LEU A 323 0.61 -6.42 -15.32
C LEU A 323 -0.88 -6.44 -15.17
N GLY A 324 -1.41 -7.56 -14.72
CA GLY A 324 -2.81 -7.61 -14.28
C GLY A 324 -2.77 -8.03 -12.81
N VAL A 325 -3.59 -7.40 -11.99
CA VAL A 325 -3.67 -7.69 -10.57
C VAL A 325 -5.08 -8.18 -10.31
N GLY A 326 -5.20 -9.24 -9.52
CA GLY A 326 -6.51 -9.80 -9.14
C GLY A 326 -6.55 -10.06 -7.65
N VAL A 327 -7.59 -9.57 -7.01
CA VAL A 327 -7.78 -9.66 -5.56
C VAL A 327 -9.15 -10.25 -5.28
N TYR A 328 -9.21 -11.18 -4.32
CA TYR A 328 -10.44 -11.80 -3.88
C TYR A 328 -10.33 -11.91 -2.36
N ASP A 329 -11.16 -11.15 -1.64
CA ASP A 329 -11.05 -11.00 -0.21
C ASP A 329 -9.59 -10.60 0.10
N LYS A 330 -8.89 -11.33 0.97
CA LYS A 330 -7.49 -11.00 1.25
C LYS A 330 -6.49 -11.90 0.57
N PHE A 331 -6.83 -12.33 -0.67
CA PHE A 331 -5.92 -13.08 -1.52
C PHE A 331 -5.59 -12.13 -2.68
N TYR A 332 -4.30 -11.90 -2.87
CA TYR A 332 -3.77 -10.94 -3.82
C TYR A 332 -2.83 -11.61 -4.79
N THR A 333 -3.09 -11.42 -6.10
CA THR A 333 -2.27 -12.01 -7.14
C THR A 333 -1.86 -11.00 -8.18
N GLN A 334 -0.55 -10.94 -8.44
CA GLN A 334 0.00 -10.20 -9.58
C GLN A 334 0.35 -11.21 -10.65
N ASN A 335 -0.08 -10.95 -11.88
CA ASN A 335 0.37 -11.71 -13.04
C ASN A 335 1.04 -10.72 -13.99
N PHE A 336 2.34 -10.93 -14.18
CA PHE A 336 3.19 -10.11 -15.03
C PHE A 336 3.30 -10.81 -16.37
N ILE A 337 3.31 -10.03 -17.45
CA ILE A 337 3.50 -10.58 -18.80
C ILE A 337 4.42 -9.72 -19.64
N ARG A 338 4.98 -10.37 -20.65
CA ARG A 338 5.72 -9.72 -21.70
C ARG A 338 4.98 -9.99 -23.00
N LYS A 339 4.66 -8.95 -23.73
CA LYS A 339 4.15 -9.16 -25.07
C LYS A 339 4.62 -8.04 -25.99
#